data_3IPW
#
_entry.id   3IPW
#
_cell.length_a   83.392
_cell.length_b   83.392
_cell.length_c   90.405
_cell.angle_alpha   90.000
_cell.angle_beta   90.000
_cell.angle_gamma   90.000
#
_symmetry.space_group_name_H-M   'P 43 21 2'
#
loop_
_entity.id
_entity.type
_entity.pdbx_description
1 polymer 'Hydrolase TatD family protein'
2 non-polymer GLYCEROL
3 water water
#
_entity_poly.entity_id   1
_entity_poly.type   'polypeptide(L)'
_entity_poly.pdbx_seq_one_letter_code
;MAHHHHHHMGTLEAQTQGPGSMSMAQQFIDIGANLTDDNYFGNYHGKHYHEEDIDVVLQRAERNGLSHIIITSGCLNDFK
KAIEIINKYQNLTNIKLVTTIGVHPTRTNELKQEGYLDELLLLCEKNIDKVVAIGEIGLDYERLQFSDKETQLSGYRTLS
ILHQKYPYLPFFFHCRKSWSDLCQLNKELGYNGCKGVVHCFDGTEEEMNQILNEGWDIGVTGNSLQSIELLNVMKQIPIE
RLHIETDCPYCGIKKTSAGFKYLKEKDFGVKVEKYQRNKYVQRRNEPSNIIDIAIIMSSIKHISLFEFVNKVYSNSMNMY
FPTMN
;
_entity_poly.pdbx_strand_id   A
#
# COMPACT_ATOMS: atom_id res chain seq x y z
N SER A 23 9.44 -23.15 -3.21
CA SER A 23 10.17 -23.50 -4.47
C SER A 23 9.60 -22.67 -5.63
N MET A 24 8.65 -21.79 -5.33
CA MET A 24 8.11 -20.86 -6.32
C MET A 24 9.06 -19.67 -6.55
N ALA A 25 8.81 -18.91 -7.61
CA ALA A 25 9.63 -17.74 -7.93
C ALA A 25 9.45 -16.63 -6.86
N GLN A 26 10.47 -15.82 -6.70
CA GLN A 26 10.36 -14.70 -5.82
C GLN A 26 10.53 -13.45 -6.67
N GLN A 27 9.39 -12.87 -7.06
CA GLN A 27 9.37 -11.89 -8.14
C GLN A 27 8.75 -10.58 -7.74
N PHE A 28 7.80 -10.62 -6.80
CA PHE A 28 7.03 -9.43 -6.44
C PHE A 28 6.93 -9.20 -4.95
N ILE A 29 7.05 -7.93 -4.58
CA ILE A 29 6.66 -7.52 -3.25
C ILE A 29 5.48 -6.53 -3.36
N ASP A 30 4.34 -6.91 -2.79
CA ASP A 30 3.20 -5.98 -2.74
C ASP A 30 3.37 -5.12 -1.48
N ILE A 31 3.81 -3.88 -1.67
CA ILE A 31 4.08 -3.00 -0.51
C ILE A 31 2.81 -2.42 0.11
N GLY A 32 1.67 -2.69 -0.52
CA GLY A 32 0.41 -2.22 0.04
C GLY A 32 -0.79 -3.03 -0.39
N ALA A 33 -1.08 -4.09 0.35
CA ALA A 33 -2.30 -4.90 0.13
C ALA A 33 -3.28 -4.69 1.26
N ASN A 34 -4.52 -4.31 0.94
CA ASN A 34 -5.53 -4.12 1.99
C ASN A 34 -6.27 -5.40 2.36
N LEU A 35 -5.53 -6.42 2.82
CA LEU A 35 -6.11 -7.73 3.07
C LEU A 35 -7.03 -7.79 4.27
N THR A 36 -7.09 -6.72 5.07
CA THR A 36 -8.03 -6.66 6.18
C THR A 36 -9.44 -6.27 5.69
N ASP A 37 -9.55 -5.91 4.41
CA ASP A 37 -10.82 -5.44 3.84
C ASP A 37 -11.89 -6.54 3.98
N ASP A 38 -13.13 -6.11 4.22
CA ASP A 38 -14.27 -7.03 4.33
C ASP A 38 -14.33 -8.07 3.21
N ASN A 39 -13.98 -7.68 1.99
CA ASN A 39 -14.15 -8.53 0.80
C ASN A 39 -13.44 -9.89 0.92
N TYR A 40 -12.29 -9.89 1.63
CA TYR A 40 -11.49 -11.11 1.83
C TYR A 40 -12.04 -12.05 2.91
N PHE A 41 -12.99 -11.53 3.68
CA PHE A 41 -13.81 -12.31 4.62
C PHE A 41 -15.16 -12.64 3.99
N GLY A 42 -15.25 -12.44 2.67
CA GLY A 42 -16.46 -12.69 1.90
C GLY A 42 -17.63 -11.75 2.15
N ASN A 43 -17.34 -10.55 2.67
CA ASN A 43 -18.38 -9.53 2.93
C ASN A 43 -18.25 -8.35 2.02
N TYR A 44 -19.33 -8.06 1.28
CA TYR A 44 -19.35 -6.99 0.29
C TYR A 44 -20.54 -6.08 0.58
N HIS A 45 -20.23 -4.86 1.03
CA HIS A 45 -21.24 -3.86 1.44
C HIS A 45 -22.24 -4.39 2.46
N GLY A 46 -21.75 -5.16 3.43
CA GLY A 46 -22.54 -5.59 4.59
C GLY A 46 -23.23 -6.95 4.51
N LYS A 47 -23.05 -7.65 3.39
CA LYS A 47 -23.66 -8.97 3.16
C LYS A 47 -22.59 -10.07 2.92
N HIS A 48 -22.76 -11.22 3.56
CA HIS A 48 -21.81 -12.34 3.44
C HIS A 48 -22.05 -13.21 2.19
N TYR A 49 -21.15 -13.18 1.22
CA TYR A 49 -21.33 -13.87 -0.08
C TYR A 49 -20.60 -15.21 -0.22
N HIS A 50 -19.47 -15.35 0.46
CA HIS A 50 -18.63 -16.55 0.34
C HIS A 50 -17.74 -16.65 1.57
N GLU A 51 -17.16 -17.83 1.78
CA GLU A 51 -16.25 -18.08 2.90
C GLU A 51 -15.00 -17.19 2.78
N GLU A 52 -14.49 -16.74 3.93
CA GLU A 52 -13.21 -16.04 4.00
C GLU A 52 -12.16 -16.76 3.15
N ASP A 53 -11.66 -16.11 2.10
CA ASP A 53 -10.87 -16.82 1.11
C ASP A 53 -9.43 -16.29 0.92
N ILE A 54 -8.87 -15.73 1.99
CA ILE A 54 -7.46 -15.29 2.00
C ILE A 54 -6.55 -16.43 1.57
N ASP A 55 -6.91 -17.68 1.91
CA ASP A 55 -6.11 -18.84 1.49
C ASP A 55 -5.94 -18.90 -0.02
N VAL A 56 -7.03 -18.78 -0.77
CA VAL A 56 -6.92 -18.89 -2.21
C VAL A 56 -6.28 -17.63 -2.82
N VAL A 57 -6.55 -16.47 -2.20
CA VAL A 57 -5.90 -15.22 -2.62
C VAL A 57 -4.38 -15.39 -2.49
N LEU A 58 -3.94 -15.96 -1.37
CA LEU A 58 -2.52 -16.21 -1.16
C LEU A 58 -1.96 -17.24 -2.14
N GLN A 59 -2.71 -18.31 -2.39
CA GLN A 59 -2.29 -19.33 -3.35
C GLN A 59 -2.07 -18.70 -4.75
N ARG A 60 -3.02 -17.86 -5.20
CA ARG A 60 -2.87 -17.20 -6.50
C ARG A 60 -1.69 -16.25 -6.46
N ALA A 61 -1.50 -15.57 -5.34
CA ALA A 61 -0.34 -14.70 -5.17
C ALA A 61 0.99 -15.50 -5.30
N GLU A 62 1.07 -16.66 -4.63
CA GLU A 62 2.27 -17.53 -4.73
C GLU A 62 2.49 -17.97 -6.17
N ARG A 63 1.41 -18.37 -6.83
CA ARG A 63 1.46 -18.80 -8.27
C ARG A 63 1.96 -17.72 -9.23
N ASN A 64 1.89 -16.47 -8.81
CA ASN A 64 2.45 -15.36 -9.58
C ASN A 64 3.73 -14.77 -9.01
N GLY A 65 4.39 -15.50 -8.13
CA GLY A 65 5.73 -15.09 -7.61
C GLY A 65 5.80 -14.00 -6.54
N LEU A 66 4.67 -13.73 -5.87
CA LEU A 66 4.70 -12.78 -4.76
C LEU A 66 5.42 -13.46 -3.61
N SER A 67 6.46 -12.80 -3.08
CA SER A 67 7.27 -13.41 -2.01
C SER A 67 7.00 -12.75 -0.66
N HIS A 68 6.51 -11.50 -0.69
CA HIS A 68 6.22 -10.74 0.53
C HIS A 68 4.97 -9.90 0.25
N ILE A 69 4.10 -9.79 1.23
CA ILE A 69 2.94 -8.90 1.15
C ILE A 69 2.90 -8.07 2.43
N ILE A 70 2.95 -6.75 2.26
CA ILE A 70 2.76 -5.83 3.38
C ILE A 70 1.27 -5.55 3.47
N ILE A 71 0.64 -6.08 4.51
CA ILE A 71 -0.77 -5.82 4.77
C ILE A 71 -0.88 -4.41 5.38
N THR A 72 -1.49 -3.48 4.63
CA THR A 72 -1.61 -2.10 5.09
C THR A 72 -2.55 -2.04 6.28
N SER A 73 -2.14 -1.28 7.29
CA SER A 73 -3.01 -1.04 8.43
C SER A 73 -3.08 0.46 8.69
N GLY A 74 -4.27 0.97 8.99
CA GLY A 74 -4.45 2.41 9.20
C GLY A 74 -5.20 2.80 10.44
N CYS A 75 -5.38 1.86 11.38
CA CYS A 75 -5.96 2.22 12.67
C CYS A 75 -5.81 1.01 13.60
N LEU A 76 -6.25 1.17 14.85
CA LEU A 76 -6.16 0.07 15.83
C LEU A 76 -6.89 -1.20 15.37
N ASN A 77 -8.13 -1.07 14.91
CA ASN A 77 -8.93 -2.21 14.41
C ASN A 77 -8.26 -2.96 13.28
N ASP A 78 -7.76 -2.18 12.30
CA ASP A 78 -7.01 -2.69 11.15
C ASP A 78 -5.77 -3.46 11.63
N PHE A 79 -5.04 -2.88 12.58
CA PHE A 79 -3.81 -3.50 13.08
C PHE A 79 -4.14 -4.84 13.76
N LYS A 80 -5.21 -4.88 14.57
CA LYS A 80 -5.66 -6.15 15.18
C LYS A 80 -5.98 -7.21 14.12
N LYS A 81 -6.80 -6.83 13.15
CA LYS A 81 -7.09 -7.64 11.98
C LYS A 81 -5.84 -8.13 11.23
N ALA A 82 -4.90 -7.22 10.95
CA ALA A 82 -3.67 -7.59 10.23
C ALA A 82 -2.87 -8.65 11.03
N ILE A 83 -2.73 -8.42 12.33
CA ILE A 83 -2.04 -9.38 13.20
C ILE A 83 -2.77 -10.74 13.18
N GLU A 84 -4.11 -10.72 13.19
CA GLU A 84 -4.89 -11.97 13.20
C GLU A 84 -4.67 -12.75 11.89
N ILE A 85 -4.65 -12.02 10.77
CA ILE A 85 -4.41 -12.65 9.48
C ILE A 85 -3.04 -13.31 9.43
N ILE A 86 -2.01 -12.61 9.91
CA ILE A 86 -0.63 -13.12 9.92
C ILE A 86 -0.54 -14.34 10.82
N ASN A 87 -1.08 -14.25 12.04
CA ASN A 87 -1.11 -15.43 12.94
C ASN A 87 -1.82 -16.64 12.36
N LYS A 88 -2.91 -16.38 11.63
CA LYS A 88 -3.73 -17.45 11.10
C LYS A 88 -3.12 -18.06 9.83
N TYR A 89 -2.58 -17.23 8.95
CA TYR A 89 -2.17 -17.69 7.64
C TYR A 89 -0.67 -17.92 7.42
N GLN A 90 0.19 -17.37 8.27
CA GLN A 90 1.62 -17.47 7.98
C GLN A 90 2.08 -18.94 7.82
N ASN A 91 1.49 -19.84 8.61
CA ASN A 91 1.85 -21.26 8.52
C ASN A 91 1.26 -21.99 7.31
N LEU A 92 0.41 -21.29 6.54
CA LEU A 92 -0.24 -21.82 5.34
C LEU A 92 0.24 -21.15 4.04
N THR A 93 1.31 -20.37 4.11
CA THR A 93 1.85 -19.73 2.91
C THR A 93 3.32 -19.53 3.01
N ASN A 94 4.01 -19.69 1.88
CA ASN A 94 5.43 -19.36 1.74
C ASN A 94 5.71 -17.86 1.67
N ILE A 95 4.64 -17.09 1.45
CA ILE A 95 4.72 -15.63 1.32
C ILE A 95 4.90 -15.03 2.72
N LYS A 96 5.90 -14.16 2.86
CA LYS A 96 6.10 -13.44 4.13
C LYS A 96 5.00 -12.40 4.34
N LEU A 97 4.24 -12.53 5.42
CA LEU A 97 3.15 -11.59 5.68
C LEU A 97 3.53 -10.65 6.82
N VAL A 98 3.45 -9.34 6.56
CA VAL A 98 3.83 -8.33 7.53
C VAL A 98 2.84 -7.20 7.44
N THR A 99 2.98 -6.23 8.36
CA THR A 99 2.06 -5.12 8.37
C THR A 99 2.73 -3.80 8.73
N THR A 100 1.94 -2.76 8.95
CA THR A 100 2.51 -1.46 9.20
C THR A 100 1.93 -0.92 10.51
N ILE A 101 2.62 0.02 11.16
CA ILE A 101 2.08 0.63 12.37
C ILE A 101 1.80 2.11 12.15
N GLY A 102 0.56 2.52 12.39
CA GLY A 102 0.18 3.94 12.23
C GLY A 102 -1.33 4.13 12.15
N VAL A 103 -1.75 5.38 12.09
CA VAL A 103 -3.18 5.72 11.93
C VAL A 103 -3.32 6.59 10.67
N HIS A 104 -4.15 6.14 9.73
CA HIS A 104 -4.51 6.85 8.50
C HIS A 104 -4.99 8.27 8.81
N PRO A 105 -4.63 9.27 7.97
CA PRO A 105 -5.08 10.65 8.29
C PRO A 105 -6.59 10.78 8.54
N THR A 106 -7.40 9.99 7.84
CA THR A 106 -8.87 10.04 7.96
C THR A 106 -9.39 9.44 9.26
N ARG A 107 -8.55 8.67 9.95
CA ARG A 107 -8.92 8.08 11.24
C ARG A 107 -8.19 8.67 12.42
N THR A 108 -7.49 9.79 12.20
CA THR A 108 -6.81 10.48 13.30
C THR A 108 -7.76 10.98 14.39
N ASN A 109 -9.04 11.14 14.07
CA ASN A 109 -10.04 11.44 15.12
C ASN A 109 -10.05 10.40 16.24
N GLU A 110 -9.79 9.14 15.90
CA GLU A 110 -9.74 8.03 16.86
C GLU A 110 -8.67 8.23 17.92
N LEU A 111 -7.65 9.05 17.63
CA LEU A 111 -6.61 9.34 18.63
C LEU A 111 -7.09 10.09 19.89
N LYS A 112 -8.31 10.66 19.83
CA LYS A 112 -8.90 11.42 20.95
C LYS A 112 -9.44 10.51 22.06
N GLN A 113 -9.78 9.27 21.71
CA GLN A 113 -10.28 8.32 22.70
C GLN A 113 -9.15 8.00 23.66
N GLU A 114 -9.38 8.20 24.96
CA GLU A 114 -8.38 7.89 25.98
C GLU A 114 -8.01 6.40 25.94
N GLY A 115 -6.71 6.12 26.08
CA GLY A 115 -6.19 4.76 26.02
C GLY A 115 -5.94 4.21 24.61
N TYR A 116 -6.53 4.82 23.59
CA TYR A 116 -6.39 4.37 22.18
C TYR A 116 -4.91 4.23 21.76
N LEU A 117 -4.14 5.31 21.86
CA LEU A 117 -2.72 5.32 21.50
C LEU A 117 -1.87 4.32 22.32
N ASP A 118 -2.09 4.26 23.64
CA ASP A 118 -1.37 3.28 24.48
C ASP A 118 -1.65 1.85 24.00
N GLU A 119 -2.91 1.55 23.69
CA GLU A 119 -3.25 0.21 23.29
C GLU A 119 -2.57 -0.14 21.97
N LEU A 120 -2.59 0.81 21.03
CA LEU A 120 -1.91 0.67 19.75
C LEU A 120 -0.41 0.44 19.95
N LEU A 121 0.23 1.24 20.80
CA LEU A 121 1.67 1.09 21.06
C LEU A 121 2.00 -0.27 21.70
N LEU A 122 1.13 -0.75 22.58
CA LEU A 122 1.41 -2.02 23.25
C LEU A 122 1.31 -3.16 22.24
N LEU A 123 0.28 -3.11 21.39
CA LEU A 123 0.09 -4.11 20.34
C LEU A 123 1.25 -4.15 19.36
N CYS A 124 1.76 -2.97 19.02
CA CYS A 124 2.91 -2.84 18.14
C CYS A 124 4.14 -3.52 18.78
N GLU A 125 4.40 -3.19 20.06
CA GLU A 125 5.55 -3.75 20.76
C GLU A 125 5.46 -5.30 20.83
N LYS A 126 4.30 -5.84 21.15
CA LYS A 126 4.12 -7.29 21.25
C LYS A 126 4.31 -7.99 19.89
N ASN A 127 4.17 -7.22 18.80
CA ASN A 127 4.13 -7.75 17.45
C ASN A 127 5.14 -7.07 16.56
N ILE A 128 6.16 -6.50 17.18
CA ILE A 128 7.16 -5.70 16.46
C ILE A 128 7.87 -6.44 15.28
N ASP A 129 8.02 -7.76 15.42
CA ASP A 129 8.65 -8.59 14.37
C ASP A 129 7.75 -8.74 13.15
N LYS A 130 6.48 -8.38 13.28
CA LYS A 130 5.55 -8.38 12.13
C LYS A 130 5.43 -7.00 11.46
N VAL A 131 6.13 -6.00 11.99
CA VAL A 131 5.95 -4.60 11.54
C VAL A 131 7.16 -4.14 10.74
N VAL A 132 6.92 -3.70 9.50
CA VAL A 132 8.04 -3.34 8.64
C VAL A 132 8.00 -1.87 8.22
N ALA A 133 6.96 -1.15 8.62
CA ALA A 133 6.88 0.31 8.31
C ALA A 133 6.03 1.05 9.30
N ILE A 134 6.32 2.34 9.45
CA ILE A 134 5.40 3.27 10.06
C ILE A 134 4.48 3.79 8.96
N GLY A 135 3.20 3.45 9.10
CA GLY A 135 2.20 3.78 8.09
C GLY A 135 0.97 2.95 8.35
N GLU A 136 -0.11 3.18 7.58
CA GLU A 136 -0.21 4.22 6.54
C GLU A 136 -0.46 5.55 7.24
N ILE A 137 0.48 6.49 7.11
CA ILE A 137 0.32 7.79 7.77
C ILE A 137 0.47 8.91 6.76
N GLY A 138 -0.07 10.07 7.10
CA GLY A 138 0.01 11.20 6.17
C GLY A 138 -1.11 12.20 6.33
N LEU A 139 -1.55 12.75 5.21
CA LEU A 139 -2.60 13.77 5.19
C LEU A 139 -3.48 13.55 3.98
N ASP A 140 -4.78 13.73 4.16
CA ASP A 140 -5.73 13.59 3.04
C ASP A 140 -6.72 14.76 3.01
N TYR A 141 -6.49 15.69 2.11
CA TYR A 141 -7.29 16.90 2.11
C TYR A 141 -8.54 16.82 1.22
N GLU A 142 -8.82 15.63 0.68
CA GLU A 142 -10.12 15.35 0.06
C GLU A 142 -11.08 14.66 1.03
N ARG A 143 -10.61 14.21 2.18
CA ARG A 143 -11.49 13.47 3.09
C ARG A 143 -11.38 14.09 4.48
N LEU A 144 -12.21 15.11 4.70
CA LEU A 144 -12.09 15.93 5.89
C LEU A 144 -13.28 15.84 6.83
N GLN A 145 -14.18 14.91 6.56
N GLN A 145 -14.20 14.94 6.53
CA GLN A 145 -15.46 14.82 7.28
CA GLN A 145 -15.46 14.79 7.27
C GLN A 145 -15.43 14.03 8.60
C GLN A 145 -15.23 14.21 8.69
N PHE A 146 -14.45 13.13 8.76
CA PHE A 146 -14.27 12.43 10.02
C PHE A 146 -13.11 12.96 10.81
N SER A 147 -12.01 13.23 10.12
CA SER A 147 -10.88 13.92 10.70
C SER A 147 -10.62 15.18 9.87
N ASP A 148 -10.92 16.34 10.44
CA ASP A 148 -10.72 17.60 9.73
C ASP A 148 -9.23 17.93 9.63
N LYS A 149 -8.90 18.98 8.88
CA LYS A 149 -7.49 19.31 8.63
C LYS A 149 -6.67 19.45 9.92
N GLU A 150 -7.19 20.21 10.88
CA GLU A 150 -6.52 20.36 12.19
C GLU A 150 -6.32 19.02 12.91
N THR A 151 -7.32 18.16 12.88
CA THR A 151 -7.19 16.84 13.53
C THR A 151 -6.10 15.99 12.85
N GLN A 152 -6.09 16.01 11.51
CA GLN A 152 -5.03 15.34 10.72
C GLN A 152 -3.63 15.84 11.05
N LEU A 153 -3.48 17.17 11.16
CA LEU A 153 -2.16 17.75 11.42
C LEU A 153 -1.71 17.36 12.81
N SER A 154 -2.64 17.45 13.75
CA SER A 154 -2.37 17.14 15.15
C SER A 154 -2.00 15.67 15.32
N GLY A 155 -2.79 14.79 14.72
CA GLY A 155 -2.58 13.35 14.73
C GLY A 155 -1.23 12.95 14.17
N TYR A 156 -0.81 13.61 13.08
CA TYR A 156 0.47 13.32 12.42
C TYR A 156 1.61 13.65 13.39
N ARG A 157 1.51 14.78 14.06
CA ARG A 157 2.45 15.11 15.11
C ARG A 157 2.50 14.12 16.26
N THR A 158 1.33 13.69 16.74
CA THR A 158 1.21 12.70 17.83
C THR A 158 1.86 11.38 17.41
N LEU A 159 1.66 11.02 16.14
CA LEU A 159 2.20 9.77 15.60
C LEU A 159 3.74 9.74 15.51
N SER A 160 4.42 10.87 15.73
CA SER A 160 5.90 10.91 15.64
C SER A 160 6.59 10.10 16.74
N ILE A 161 5.81 9.71 17.75
CA ILE A 161 6.26 8.83 18.81
C ILE A 161 6.74 7.49 18.20
N LEU A 162 6.08 7.04 17.10
CA LEU A 162 6.46 5.79 16.44
C LEU A 162 7.85 5.87 15.91
N HIS A 163 8.17 6.95 15.23
CA HIS A 163 9.54 7.13 14.72
C HIS A 163 10.55 7.31 15.86
N GLN A 164 10.08 7.87 16.97
CA GLN A 164 10.94 8.11 18.13
C GLN A 164 11.32 6.78 18.79
N LYS A 165 10.34 5.88 18.88
CA LYS A 165 10.53 4.56 19.48
C LYS A 165 11.25 3.57 18.55
N TYR A 166 11.03 3.73 17.24
CA TYR A 166 11.55 2.81 16.24
C TYR A 166 12.22 3.55 15.06
N PRO A 167 13.36 4.22 15.32
CA PRO A 167 13.96 5.14 14.35
C PRO A 167 14.49 4.48 13.08
N TYR A 168 14.66 3.16 13.11
CA TYR A 168 15.04 2.34 11.96
C TYR A 168 13.91 1.99 10.96
N LEU A 169 12.65 2.08 11.38
CA LEU A 169 11.51 1.75 10.52
C LEU A 169 11.33 2.77 9.39
N PRO A 170 11.28 2.30 8.13
CA PRO A 170 11.01 3.22 7.02
C PRO A 170 9.51 3.62 7.02
N PHE A 171 9.15 4.60 6.19
CA PHE A 171 7.80 5.14 6.16
C PHE A 171 6.95 4.62 4.99
N PHE A 172 5.65 4.53 5.21
CA PHE A 172 4.67 4.26 4.14
C PHE A 172 3.64 5.42 4.20
N PHE A 173 3.80 6.42 3.33
CA PHE A 173 3.07 7.68 3.44
C PHE A 173 1.84 7.75 2.53
N HIS A 174 0.79 8.36 3.05
CA HIS A 174 -0.42 8.68 2.28
C HIS A 174 -0.43 10.19 2.05
N CYS A 175 -0.66 10.58 0.80
CA CYS A 175 -0.68 11.98 0.41
C CYS A 175 -1.78 12.22 -0.65
N ARG A 176 -2.81 12.99 -0.30
CA ARG A 176 -3.81 13.44 -1.27
C ARG A 176 -4.07 14.94 -1.12
N LYS A 177 -3.71 15.70 -2.14
CA LYS A 177 -3.91 17.16 -2.18
C LYS A 177 -3.32 17.86 -0.95
N SER A 178 -2.20 17.32 -0.49
CA SER A 178 -1.64 17.72 0.81
C SER A 178 -0.13 17.73 0.85
N TRP A 179 0.53 17.61 -0.30
CA TRP A 179 1.98 17.41 -0.35
C TRP A 179 2.79 18.54 0.29
N SER A 180 2.41 19.79 0.00
CA SER A 180 3.14 20.90 0.59
C SER A 180 3.08 20.88 2.12
N ASP A 181 1.91 20.57 2.69
CA ASP A 181 1.83 20.46 4.14
C ASP A 181 2.60 19.24 4.66
N LEU A 182 2.49 18.13 3.94
CA LEU A 182 3.17 16.89 4.36
C LEU A 182 4.69 17.05 4.39
N CYS A 183 5.23 17.67 3.34
N CYS A 183 5.27 17.66 3.35
CA CYS A 183 6.65 17.94 3.22
CA CYS A 183 6.71 17.86 3.33
C CYS A 183 7.16 18.79 4.40
C CYS A 183 7.19 18.79 4.44
N GLN A 184 6.39 19.81 4.78
CA GLN A 184 6.74 20.72 5.90
C GLN A 184 6.75 19.94 7.21
N LEU A 185 5.70 19.15 7.43
CA LEU A 185 5.60 18.33 8.65
C LEU A 185 6.74 17.33 8.78
N ASN A 186 7.06 16.65 7.67
CA ASN A 186 8.19 15.72 7.64
C ASN A 186 9.49 16.39 8.05
N LYS A 187 9.71 17.63 7.58
CA LYS A 187 10.91 18.38 7.99
C LYS A 187 10.88 18.68 9.47
N GLU A 188 9.74 19.20 9.92
CA GLU A 188 9.59 19.59 11.30
CA GLU A 188 9.50 19.58 11.32
C GLU A 188 9.76 18.42 12.27
N LEU A 189 9.28 17.23 11.89
CA LEU A 189 9.38 16.06 12.76
C LEU A 189 10.69 15.29 12.63
N GLY A 190 11.59 15.77 11.77
CA GLY A 190 12.88 15.14 11.57
C GLY A 190 12.90 13.86 10.74
N TYR A 191 11.89 13.67 9.87
CA TYR A 191 11.80 12.47 9.02
C TYR A 191 12.75 12.53 7.83
N ASN A 192 13.02 13.75 7.36
CA ASN A 192 13.91 13.93 6.22
C ASN A 192 15.27 13.28 6.47
N GLY A 193 15.71 12.48 5.48
CA GLY A 193 16.96 11.76 5.56
C GLY A 193 16.72 10.31 5.95
N CYS A 194 15.49 10.01 6.37
CA CYS A 194 15.01 8.62 6.57
C CYS A 194 14.52 7.99 5.24
N LYS A 195 14.29 6.67 5.26
CA LYS A 195 13.77 5.97 4.08
C LYS A 195 12.25 5.92 4.10
N GLY A 196 11.63 5.99 2.93
CA GLY A 196 10.18 5.94 2.91
C GLY A 196 9.64 6.04 1.49
N VAL A 197 8.36 5.69 1.37
CA VAL A 197 7.71 5.68 0.07
C VAL A 197 6.41 6.48 0.16
N VAL A 198 6.17 7.35 -0.82
CA VAL A 198 4.89 7.98 -0.96
C VAL A 198 4.09 7.09 -1.88
N HIS A 199 3.11 6.43 -1.30
CA HIS A 199 2.46 5.35 -1.98
C HIS A 199 1.20 5.79 -2.73
N CYS A 200 0.72 4.89 -3.58
CA CYS A 200 -0.45 5.13 -4.43
C CYS A 200 -0.39 6.53 -5.07
N PHE A 201 0.74 6.84 -5.68
CA PHE A 201 1.00 8.18 -6.09
C PHE A 201 0.15 8.55 -7.29
N ASP A 202 -0.51 9.70 -7.23
CA ASP A 202 -1.21 10.22 -8.42
C ASP A 202 -1.13 11.75 -8.62
N GLY A 203 -0.01 12.33 -8.21
CA GLY A 203 0.22 13.77 -8.34
C GLY A 203 0.81 14.19 -9.70
N THR A 204 1.32 15.42 -9.75
CA THR A 204 1.94 16.00 -10.95
C THR A 204 3.40 15.64 -11.06
N GLU A 205 4.00 15.90 -12.24
CA GLU A 205 5.46 15.82 -12.43
C GLU A 205 6.20 16.65 -11.40
N GLU A 206 5.72 17.88 -11.14
CA GLU A 206 6.39 18.76 -10.18
C GLU A 206 6.34 18.16 -8.74
N GLU A 207 5.21 17.58 -8.38
CA GLU A 207 5.10 16.91 -7.07
C GLU A 207 6.02 15.69 -7.01
N MET A 208 6.02 14.89 -8.08
CA MET A 208 6.92 13.73 -8.17
C MET A 208 8.37 14.14 -7.96
N ASN A 209 8.81 15.17 -8.68
CA ASN A 209 10.17 15.66 -8.49
C ASN A 209 10.43 16.20 -7.09
N GLN A 210 9.47 16.90 -6.50
CA GLN A 210 9.70 17.39 -5.11
C GLN A 210 9.82 16.26 -4.10
N ILE A 211 8.97 15.26 -4.24
CA ILE A 211 9.03 14.03 -3.44
C ILE A 211 10.42 13.32 -3.51
N LEU A 212 10.91 13.09 -4.71
CA LEU A 212 12.23 12.48 -4.93
C LEU A 212 13.34 13.37 -4.41
N ASN A 213 13.21 14.68 -4.64
N ASN A 213 13.23 14.68 -4.63
CA ASN A 213 14.13 15.67 -4.10
CA ASN A 213 14.24 15.59 -4.09
C ASN A 213 14.24 15.64 -2.56
C ASN A 213 14.29 15.55 -2.54
N GLU A 214 13.17 15.21 -1.90
CA GLU A 214 13.18 15.07 -0.42
C GLU A 214 13.69 13.71 0.06
N GLY A 215 14.23 12.89 -0.85
CA GLY A 215 14.84 11.58 -0.48
C GLY A 215 13.87 10.40 -0.45
N TRP A 216 12.60 10.60 -0.84
CA TRP A 216 11.60 9.52 -0.80
C TRP A 216 11.46 8.78 -2.12
N ASP A 217 10.89 7.57 -2.03
CA ASP A 217 10.51 6.79 -3.19
C ASP A 217 9.04 6.94 -3.49
N ILE A 218 8.62 6.40 -4.64
CA ILE A 218 7.24 6.56 -5.07
C ILE A 218 6.63 5.20 -5.33
N GLY A 219 5.45 4.95 -4.77
CA GLY A 219 4.73 3.72 -5.00
C GLY A 219 3.62 3.90 -6.02
N VAL A 220 3.56 2.97 -6.99
CA VAL A 220 2.56 3.06 -8.06
C VAL A 220 1.52 1.93 -7.95
N THR A 221 0.24 2.30 -7.99
N THR A 221 0.25 2.30 -8.04
CA THR A 221 -0.90 1.38 -8.03
CA THR A 221 -0.86 1.36 -8.07
C THR A 221 -1.67 1.57 -9.34
C THR A 221 -1.71 1.62 -9.31
N GLY A 222 -2.78 0.84 -9.48
CA GLY A 222 -3.68 0.99 -10.63
C GLY A 222 -4.23 2.41 -10.74
N ASN A 223 -4.51 3.05 -9.61
N ASN A 223 -4.47 3.01 -9.57
CA ASN A 223 -4.96 4.45 -9.64
CA ASN A 223 -4.89 4.41 -9.45
C ASN A 223 -3.91 5.40 -10.25
C ASN A 223 -3.92 5.40 -10.13
N SER A 224 -2.63 5.09 -10.06
CA SER A 224 -1.53 5.90 -10.67
C SER A 224 -1.52 5.83 -12.18
N LEU A 225 -2.33 4.96 -12.78
CA LEU A 225 -2.19 4.64 -14.23
C LEU A 225 -3.49 4.87 -15.02
N GLN A 226 -4.39 5.66 -14.46
CA GLN A 226 -5.78 5.74 -14.97
C GLN A 226 -5.87 6.61 -16.21
N SER A 227 -4.99 7.60 -16.32
CA SER A 227 -5.08 8.55 -17.43
C SER A 227 -3.75 8.68 -18.16
N ILE A 228 -3.83 9.15 -19.41
CA ILE A 228 -2.62 9.43 -20.19
C ILE A 228 -1.72 10.43 -19.46
N GLU A 229 -2.31 11.44 -18.85
CA GLU A 229 -1.54 12.43 -18.09
C GLU A 229 -0.75 11.75 -16.93
N LEU A 230 -1.41 10.85 -16.22
CA LEU A 230 -0.74 10.11 -15.14
C LEU A 230 0.37 9.19 -15.66
N LEU A 231 0.12 8.55 -16.80
CA LEU A 231 1.14 7.70 -17.41
C LEU A 231 2.40 8.51 -17.71
N ASN A 232 2.22 9.75 -18.14
CA ASN A 232 3.38 10.58 -18.50
C ASN A 232 4.14 11.05 -17.28
N VAL A 233 3.49 11.09 -16.13
CA VAL A 233 4.18 11.36 -14.87
C VAL A 233 4.91 10.08 -14.42
N MET A 234 4.18 8.98 -14.27
CA MET A 234 4.75 7.72 -13.76
C MET A 234 5.97 7.21 -14.56
N LYS A 235 5.97 7.38 -15.89
CA LYS A 235 7.10 6.91 -16.68
C LYS A 235 8.39 7.66 -16.35
N GLN A 236 8.27 8.82 -15.67
CA GLN A 236 9.43 9.63 -15.32
C GLN A 236 10.03 9.21 -13.99
N ILE A 237 9.37 8.32 -13.24
CA ILE A 237 9.92 7.91 -11.94
C ILE A 237 11.21 7.10 -12.20
N PRO A 238 12.36 7.52 -11.61
CA PRO A 238 13.58 6.75 -11.80
C PRO A 238 13.40 5.30 -11.33
N ILE A 239 13.96 4.38 -12.09
CA ILE A 239 13.70 2.96 -11.83
C ILE A 239 14.11 2.52 -10.41
N GLU A 240 15.18 3.13 -9.88
CA GLU A 240 15.72 2.77 -8.59
C GLU A 240 14.96 3.45 -7.43
N ARG A 241 13.88 4.17 -7.77
CA ARG A 241 13.04 4.87 -6.78
C ARG A 241 11.59 4.39 -6.83
N LEU A 242 11.36 3.28 -7.53
CA LEU A 242 10.00 2.84 -7.85
C LEU A 242 9.59 1.56 -7.10
N HIS A 243 8.36 1.57 -6.56
CA HIS A 243 7.75 0.40 -5.92
C HIS A 243 6.38 0.21 -6.52
N ILE A 244 5.92 -1.04 -6.55
CA ILE A 244 4.57 -1.32 -7.05
C ILE A 244 3.72 -1.98 -5.97
N GLU A 245 2.41 -1.87 -6.09
CA GLU A 245 1.50 -2.28 -5.02
C GLU A 245 0.11 -2.40 -5.60
N THR A 246 -0.78 -3.10 -4.90
CA THR A 246 -2.12 -3.31 -5.44
C THR A 246 -3.20 -2.45 -4.78
N ASP A 247 -3.01 -2.12 -3.49
CA ASP A 247 -4.02 -1.39 -2.70
CA ASP A 247 -4.00 -1.41 -2.68
C ASP A 247 -5.35 -2.14 -2.74
N CYS A 248 -5.27 -3.46 -2.87
CA CYS A 248 -6.40 -4.34 -3.18
C CYS A 248 -7.23 -4.43 -1.93
N PRO A 249 -8.59 -4.52 -2.05
CA PRO A 249 -9.46 -4.80 -3.22
C PRO A 249 -9.66 -3.61 -4.14
N TYR A 250 -9.16 -2.44 -3.74
CA TYR A 250 -9.34 -1.23 -4.53
C TYR A 250 -8.34 -1.26 -5.69
N CYS A 251 -8.55 -0.39 -6.68
CA CYS A 251 -7.49 0.07 -7.58
C CYS A 251 -7.04 -0.89 -8.67
N GLY A 252 -7.83 -1.93 -8.96
CA GLY A 252 -7.55 -2.80 -10.10
C GLY A 252 -7.64 -2.02 -11.41
N ILE A 253 -6.80 -2.36 -12.38
CA ILE A 253 -6.89 -1.73 -13.69
C ILE A 253 -8.31 -1.97 -14.26
N LYS A 254 -8.99 -0.88 -14.62
CA LYS A 254 -10.28 -0.97 -15.29
C LYS A 254 -10.12 -0.96 -16.81
N LYS A 255 -11.09 -1.54 -17.52
CA LYS A 255 -11.15 -1.47 -18.99
C LYS A 255 -11.11 -0.02 -19.47
N THR A 256 -11.61 0.88 -18.63
CA THR A 256 -11.59 2.33 -18.87
C THR A 256 -10.20 3.01 -18.73
N SER A 257 -9.28 2.37 -18.02
CA SER A 257 -7.99 2.97 -17.70
C SER A 257 -7.06 3.18 -18.90
N ALA A 258 -6.30 4.29 -18.90
CA ALA A 258 -5.26 4.49 -19.91
C ALA A 258 -4.25 3.35 -19.94
N GLY A 259 -3.85 2.90 -18.76
CA GLY A 259 -2.92 1.76 -18.64
C GLY A 259 -3.43 0.46 -19.27
N PHE A 260 -4.76 0.31 -19.33
CA PHE A 260 -5.36 -0.90 -19.90
C PHE A 260 -4.91 -1.18 -21.36
N LYS A 261 -4.58 -0.10 -22.09
CA LYS A 261 -4.07 -0.20 -23.48
C LYS A 261 -2.85 -1.14 -23.54
N TYR A 262 -2.14 -1.24 -22.42
CA TYR A 262 -0.89 -2.03 -22.36
C TYR A 262 -1.03 -3.47 -21.88
N LEU A 263 -2.22 -3.85 -21.43
CA LEU A 263 -2.45 -5.25 -21.02
C LEU A 263 -2.96 -6.15 -22.15
N LYS A 264 -2.67 -7.45 -22.03
CA LYS A 264 -3.08 -8.42 -23.06
C LYS A 264 -3.92 -9.57 -22.48
N GLU A 265 -5.24 -9.47 -22.64
CA GLU A 265 -6.22 -10.48 -22.21
C GLU A 265 -6.48 -10.60 -20.70
N LYS A 266 -6.51 -9.46 -20.00
CA LYS A 266 -6.77 -9.45 -18.56
C LYS A 266 -8.08 -10.13 -18.18
N ASP A 267 -8.00 -11.02 -17.21
CA ASP A 267 -9.16 -11.71 -16.67
C ASP A 267 -9.83 -10.85 -15.60
N PHE A 268 -11.05 -10.41 -15.86
CA PHE A 268 -11.80 -9.59 -14.89
C PHE A 268 -12.58 -10.39 -13.84
N GLY A 269 -12.59 -11.71 -13.99
CA GLY A 269 -13.27 -12.59 -13.04
C GLY A 269 -14.78 -12.61 -13.18
N VAL A 270 -15.45 -13.04 -12.11
CA VAL A 270 -16.88 -13.29 -12.12
C VAL A 270 -17.62 -12.50 -11.03
N LYS A 271 -18.90 -12.23 -11.28
CA LYS A 271 -19.76 -11.57 -10.30
C LYS A 271 -19.70 -12.32 -8.98
N VAL A 272 -19.74 -11.58 -7.88
CA VAL A 272 -19.66 -12.16 -6.54
C VAL A 272 -20.80 -13.19 -6.24
N GLU A 273 -21.96 -13.01 -6.86
CA GLU A 273 -23.05 -14.00 -6.76
C GLU A 273 -22.70 -15.33 -7.44
N LYS A 274 -21.83 -15.26 -8.45
CA LYS A 274 -21.36 -16.47 -9.15
C LYS A 274 -19.93 -16.86 -8.74
N TYR A 275 -19.62 -16.63 -7.46
CA TYR A 275 -18.28 -16.87 -6.90
C TYR A 275 -17.75 -18.29 -7.15
N GLN A 276 -16.55 -18.36 -7.70
CA GLN A 276 -15.79 -19.61 -7.78
C GLN A 276 -14.46 -19.43 -7.03
N ARG A 277 -14.13 -20.41 -6.17
CA ARG A 277 -12.86 -20.43 -5.42
C ARG A 277 -11.64 -20.24 -6.32
N ASN A 278 -11.69 -20.77 -7.53
CA ASN A 278 -10.57 -20.72 -8.47
C ASN A 278 -10.64 -19.55 -9.46
N LYS A 279 -11.53 -18.59 -9.20
CA LYS A 279 -11.66 -17.40 -10.05
C LYS A 279 -11.60 -16.10 -9.23
N TYR A 280 -11.12 -15.05 -9.89
CA TYR A 280 -11.19 -13.69 -9.35
C TYR A 280 -12.63 -13.22 -9.17
N VAL A 281 -12.88 -12.45 -8.11
CA VAL A 281 -14.15 -11.77 -7.89
C VAL A 281 -14.09 -10.42 -8.60
N GLN A 282 -15.15 -10.08 -9.32
CA GLN A 282 -15.22 -8.83 -10.07
C GLN A 282 -15.13 -7.63 -9.15
N ARG A 283 -14.30 -6.67 -9.55
CA ARG A 283 -14.06 -5.46 -8.76
C ARG A 283 -13.26 -5.71 -7.48
N ARG A 284 -12.82 -6.94 -7.25
CA ARG A 284 -11.94 -7.24 -6.13
C ARG A 284 -10.52 -7.48 -6.64
N ASN A 285 -9.72 -6.43 -6.64
CA ASN A 285 -8.31 -6.55 -6.93
C ASN A 285 -7.65 -7.47 -5.88
N GLU A 286 -6.50 -8.05 -6.25
CA GLU A 286 -5.77 -8.99 -5.38
C GLU A 286 -4.28 -8.75 -5.53
N PRO A 287 -3.49 -9.16 -4.52
CA PRO A 287 -2.04 -9.10 -4.64
C PRO A 287 -1.52 -9.68 -5.97
N SER A 288 -2.09 -10.76 -6.49
CA SER A 288 -1.56 -11.34 -7.75
C SER A 288 -1.73 -10.39 -8.93
N ASN A 289 -2.67 -9.43 -8.84
CA ASN A 289 -2.88 -8.44 -9.91
C ASN A 289 -1.77 -7.38 -9.99
N ILE A 290 -0.79 -7.49 -9.10
CA ILE A 290 0.39 -6.63 -9.16
C ILE A 290 1.11 -6.77 -10.49
N ILE A 291 0.96 -7.90 -11.17
CA ILE A 291 1.63 -8.09 -12.44
C ILE A 291 1.18 -7.06 -13.47
N ASP A 292 -0.08 -6.66 -13.39
CA ASP A 292 -0.68 -5.66 -14.30
C ASP A 292 0.12 -4.37 -14.22
N ILE A 293 0.48 -4.01 -12.98
CA ILE A 293 1.25 -2.81 -12.73
C ILE A 293 2.66 -2.88 -13.30
N ALA A 294 3.35 -4.01 -13.10
CA ALA A 294 4.68 -4.18 -13.67
C ALA A 294 4.64 -4.16 -15.20
N ILE A 295 3.59 -4.74 -15.79
CA ILE A 295 3.51 -4.81 -17.25
C ILE A 295 3.38 -3.41 -17.85
N ILE A 296 2.40 -2.66 -17.35
CA ILE A 296 2.16 -1.25 -17.73
C ILE A 296 3.42 -0.40 -17.51
N MET A 297 4.01 -0.45 -16.32
CA MET A 297 5.18 0.40 -16.04
C MET A 297 6.38 0.12 -16.91
N SER A 298 6.66 -1.16 -17.12
CA SER A 298 7.82 -1.52 -17.92
C SER A 298 7.58 -1.15 -19.39
N SER A 299 6.33 -1.25 -19.84
CA SER A 299 5.98 -0.88 -21.21
C SER A 299 6.11 0.62 -21.44
N ILE A 300 5.58 1.43 -20.52
CA ILE A 300 5.67 2.90 -20.68
C ILE A 300 7.06 3.45 -20.42
N LYS A 301 7.87 2.73 -19.64
CA LYS A 301 9.28 3.12 -19.44
C LYS A 301 10.24 2.54 -20.48
N HIS A 302 9.71 1.68 -21.36
CA HIS A 302 10.52 0.94 -22.36
C HIS A 302 11.70 0.26 -21.67
N ILE A 303 11.45 -0.43 -20.56
CA ILE A 303 12.46 -1.28 -19.90
C ILE A 303 12.03 -2.73 -20.10
N SER A 304 12.99 -3.58 -20.46
CA SER A 304 12.76 -5.01 -20.49
C SER A 304 11.97 -5.43 -19.24
N LEU A 305 10.87 -6.13 -19.46
CA LEU A 305 10.01 -6.58 -18.37
C LEU A 305 10.74 -7.24 -17.19
N PHE A 306 11.58 -8.25 -17.47
CA PHE A 306 12.29 -8.96 -16.38
C PHE A 306 13.34 -8.16 -15.65
N GLU A 307 14.03 -7.30 -16.38
CA GLU A 307 14.93 -6.32 -15.79
C GLU A 307 14.15 -5.37 -14.88
N PHE A 308 12.98 -4.90 -15.36
CA PHE A 308 12.13 -4.04 -14.57
C PHE A 308 11.69 -4.75 -13.29
N VAL A 309 11.17 -5.97 -13.46
CA VAL A 309 10.66 -6.75 -12.33
C VAL A 309 11.76 -6.90 -11.27
N ASN A 310 12.96 -7.23 -11.73
CA ASN A 310 14.09 -7.45 -10.87
C ASN A 310 14.52 -6.24 -10.06
N LYS A 311 14.54 -5.08 -10.71
CA LYS A 311 15.00 -3.88 -10.06
C LYS A 311 13.97 -3.37 -9.03
N VAL A 312 12.68 -3.43 -9.38
CA VAL A 312 11.64 -2.98 -8.47
C VAL A 312 11.58 -3.90 -7.26
N TYR A 313 11.68 -5.21 -7.48
CA TYR A 313 11.83 -6.16 -6.40
C TYR A 313 12.97 -5.77 -5.44
N SER A 314 14.15 -5.53 -5.99
CA SER A 314 15.29 -5.07 -5.21
C SER A 314 14.99 -3.76 -4.46
N ASN A 315 14.36 -2.80 -5.13
CA ASN A 315 13.98 -1.57 -4.41
C ASN A 315 13.18 -1.89 -3.15
N SER A 316 12.16 -2.73 -3.29
CA SER A 316 11.21 -2.98 -2.19
C SER A 316 11.85 -3.84 -1.09
N MET A 317 12.72 -4.76 -1.50
CA MET A 317 13.50 -5.54 -0.54
C MET A 317 14.40 -4.62 0.28
N ASN A 318 15.19 -3.77 -0.37
CA ASN A 318 16.11 -2.89 0.36
C ASN A 318 15.38 -1.85 1.23
N MET A 319 14.17 -1.46 0.81
CA MET A 319 13.36 -0.49 1.56
C MET A 319 12.75 -1.14 2.80
N TYR A 320 12.06 -2.27 2.62
CA TYR A 320 11.21 -2.83 3.69
C TYR A 320 11.73 -4.13 4.33
N PHE A 321 12.61 -4.84 3.63
CA PHE A 321 13.18 -6.12 4.12
C PHE A 321 14.71 -6.16 3.98
N PRO A 322 15.40 -5.13 4.52
CA PRO A 322 16.85 -5.11 4.32
C PRO A 322 17.54 -6.17 5.17
N THR A 323 18.75 -6.56 4.78
CA THR A 323 19.52 -7.55 5.57
C THR A 323 20.56 -6.85 6.44
#